data_7HTX
#
_entry.id   7HTX
#
_cell.length_a   98.598
_cell.length_b   98.587
_cell.length_c   128.947
_cell.angle_alpha   90.00
_cell.angle_beta   90.00
_cell.angle_gamma   90.00
#
_symmetry.space_group_name_H-M   'I 2 2 2'
#
loop_
_entity.id
_entity.type
_entity.pdbx_description
1 polymer 'Oleoyl-acyl carrier protein thioesterase 1, chloroplastic'
2 non-polymer ~{N},~{N}-dimethyl-1~{H}-pyrazole-4-sulfonamide
3 non-polymer 'SULFATE ION'
4 water water
#
_entity_poly.entity_id   1
_entity_poly.type   'polypeptide(L)'
_entity_poly.pdbx_seq_one_letter_code
;MGSLTEDGLSYKEKFVVRSYEVGSNKTATVETIANLLQEVGCNHAQSVGFSTDGFATTTTMRKLHLIWVTARMHIEIYKY
PAWGDVVEIETWCQSEGRIGTRRDWILKDSVTGEVTGRATSKWVMMNQDTRRLQKVSDDVRDEYLVFCPQEPRLAFPEEN
NRSLKKIPKLEDPAQYSMIGLKPRRADLDMNQHVNNVTYIGWVLESIPQEIVDTHELQVITLDYRRECQQDDVVDSLTTT
TSEIGGTNGSATSGTQGHNDSQFLHLLRLSGDGQEINRGTTLWRKKPSSHHHHHH
;
_entity_poly.pdbx_strand_id   A,B
#
loop_
_chem_comp.id
_chem_comp.type
_chem_comp.name
_chem_comp.formula
A1H9V non-polymer ~{N},~{N}-dimethyl-1~{H}-pyrazole-4-sulfonamide 'C5 H9 N3 O2 S'
SO4 non-polymer 'SULFATE ION' 'O4 S -2'
#
# COMPACT_ATOMS: atom_id res chain seq x y z
N GLY A 2 -15.12 13.34 -0.56
CA GLY A 2 -14.77 14.02 0.69
C GLY A 2 -15.18 15.48 0.71
N SER A 3 -15.44 16.00 1.91
CA SER A 3 -15.83 17.39 2.03
C SER A 3 -15.73 17.90 3.45
N LEU A 4 -15.55 19.22 3.60
CA LEU A 4 -15.60 19.89 4.90
C LEU A 4 -17.06 19.78 5.39
N THR A 5 -17.27 19.72 6.71
CA THR A 5 -18.60 19.73 7.28
C THR A 5 -19.19 21.17 7.15
N GLU A 6 -20.46 21.35 7.52
CA GLU A 6 -21.20 22.60 7.43
C GLU A 6 -20.51 23.77 8.11
N ASP A 7 -19.96 23.58 9.32
CA ASP A 7 -19.28 24.68 10.00
C ASP A 7 -17.85 24.95 9.45
N GLY A 8 -17.35 24.11 8.54
CA GLY A 8 -16.02 24.24 7.97
C GLY A 8 -14.89 23.96 8.95
N LEU A 9 -15.20 23.37 10.12
CA LEU A 9 -14.21 23.08 11.17
C LEU A 9 -13.80 21.59 11.27
N SER A 10 -14.29 20.74 10.38
CA SER A 10 -13.90 19.33 10.31
C SER A 10 -14.13 18.79 8.89
N TYR A 11 -13.65 17.59 8.60
CA TYR A 11 -13.69 17.04 7.25
C TYR A 11 -14.04 15.55 7.31
N LYS A 12 -14.93 15.10 6.41
CA LYS A 12 -15.36 13.71 6.32
C LYS A 12 -15.09 13.13 4.94
N GLU A 13 -14.76 11.85 4.90
CA GLU A 13 -14.54 11.14 3.64
C GLU A 13 -14.91 9.67 3.83
N LYS A 14 -15.46 9.05 2.77
CA LYS A 14 -15.84 7.65 2.76
C LYS A 14 -14.87 6.87 1.91
N PHE A 15 -14.55 5.65 2.33
CA PHE A 15 -13.64 4.74 1.62
C PHE A 15 -14.25 3.36 1.55
N VAL A 16 -14.10 2.69 0.41
CA VAL A 16 -14.59 1.31 0.27
C VAL A 16 -13.35 0.45 0.44
N VAL A 17 -13.34 -0.46 1.42
CA VAL A 17 -12.17 -1.31 1.68
C VAL A 17 -11.81 -2.24 0.46
N ARG A 18 -10.55 -2.14 -0.03
CA ARG A 18 -10.05 -2.91 -1.20
C ARG A 18 -9.54 -4.31 -0.88
N SER A 19 -9.52 -5.21 -1.89
CA SER A 19 -9.05 -6.60 -1.75
C SER A 19 -7.62 -6.73 -1.22
N TYR A 20 -6.67 -5.94 -1.75
CA TYR A 20 -5.29 -5.97 -1.28
C TYR A 20 -5.07 -5.25 0.07
N GLU A 21 -6.10 -4.61 0.61
CA GLU A 21 -6.01 -3.88 1.87
C GLU A 21 -6.34 -4.73 3.10
N VAL A 22 -6.74 -6.00 2.91
CA VAL A 22 -7.16 -6.86 4.01
C VAL A 22 -6.18 -7.98 4.33
N GLY A 23 -6.24 -8.49 5.57
CA GLY A 23 -5.43 -9.60 6.04
C GLY A 23 -6.16 -10.94 5.98
N SER A 24 -5.71 -11.92 6.79
N SER A 24 -5.71 -11.92 6.78
N SER A 24 -5.71 -11.92 6.79
CA SER A 24 -6.27 -13.27 6.86
CA SER A 24 -6.29 -13.28 6.79
CA SER A 24 -6.27 -13.27 6.86
C SER A 24 -7.76 -13.33 7.21
C SER A 24 -7.77 -13.34 7.20
C SER A 24 -7.76 -13.33 7.21
N ASN A 25 -8.23 -12.42 8.06
CA ASN A 25 -9.65 -12.40 8.48
C ASN A 25 -10.58 -11.70 7.46
N LYS A 26 -10.03 -11.30 6.29
CA LYS A 26 -10.76 -10.54 5.28
C LYS A 26 -11.24 -9.20 5.82
N THR A 27 -10.48 -8.60 6.77
CA THR A 27 -10.73 -7.27 7.31
C THR A 27 -9.48 -6.40 7.14
N ALA A 28 -9.67 -5.07 7.08
CA ALA A 28 -8.59 -4.11 6.88
C ALA A 28 -7.51 -4.27 7.94
N THR A 29 -6.23 -4.20 7.55
CA THR A 29 -5.14 -4.29 8.52
C THR A 29 -5.02 -2.93 9.23
N VAL A 30 -4.25 -2.86 10.33
CA VAL A 30 -4.02 -1.56 11.00
C VAL A 30 -3.25 -0.60 10.07
N GLU A 31 -2.40 -1.13 9.17
CA GLU A 31 -1.66 -0.30 8.25
C GLU A 31 -2.59 0.32 7.21
N THR A 32 -3.64 -0.41 6.76
CA THR A 32 -4.61 0.16 5.83
C THR A 32 -5.37 1.28 6.55
N ILE A 33 -5.80 1.05 7.80
CA ILE A 33 -6.48 2.08 8.59
C ILE A 33 -5.60 3.33 8.73
N ALA A 34 -4.34 3.14 9.11
CA ALA A 34 -3.37 4.22 9.28
C ALA A 34 -3.18 5.00 7.98
N ASN A 35 -3.12 4.30 6.83
CA ASN A 35 -3.01 4.95 5.51
C ASN A 35 -4.21 5.84 5.23
N LEU A 36 -5.44 5.34 5.55
CA LEU A 36 -6.71 6.05 5.38
C LEU A 36 -6.75 7.28 6.28
N LEU A 37 -6.23 7.18 7.52
CA LEU A 37 -6.17 8.34 8.41
C LEU A 37 -5.28 9.44 7.79
N GLN A 38 -4.11 9.06 7.23
CA GLN A 38 -3.23 10.01 6.58
C GLN A 38 -3.90 10.65 5.39
N GLU A 39 -4.57 9.86 4.53
CA GLU A 39 -5.25 10.33 3.33
C GLU A 39 -6.32 11.38 3.65
N VAL A 40 -7.18 11.12 4.66
CA VAL A 40 -8.23 12.03 5.03
C VAL A 40 -7.63 13.34 5.66
N GLY A 41 -6.53 13.23 6.39
CA GLY A 41 -5.83 14.38 6.94
C GLY A 41 -5.28 15.25 5.82
N CYS A 42 -4.70 14.61 4.80
N CYS A 42 -4.70 14.62 4.81
N CYS A 42 -4.70 14.61 4.80
CA CYS A 42 -4.16 15.30 3.63
CA CYS A 42 -4.15 15.32 3.67
CA CYS A 42 -4.16 15.30 3.63
C CYS A 42 -5.25 16.03 2.88
C CYS A 42 -5.25 16.04 2.88
C CYS A 42 -5.25 16.03 2.88
N ASN A 43 -6.40 15.38 2.70
CA ASN A 43 -7.53 15.98 1.98
C ASN A 43 -8.12 17.18 2.76
N HIS A 44 -8.13 17.09 4.08
CA HIS A 44 -8.60 18.20 4.93
C HIS A 44 -7.66 19.43 4.73
N ALA A 45 -6.33 19.28 4.83
CA ALA A 45 -5.37 20.37 4.63
C ALA A 45 -5.53 21.00 3.23
N GLN A 46 -5.71 20.17 2.20
CA GLN A 46 -5.90 20.65 0.84
C GLN A 46 -7.20 21.49 0.72
N SER A 47 -8.28 21.04 1.35
N SER A 47 -8.29 21.03 1.36
N SER A 47 -8.28 21.04 1.35
CA SER A 47 -9.58 21.70 1.31
CA SER A 47 -9.58 21.71 1.31
CA SER A 47 -9.58 21.70 1.31
C SER A 47 -9.58 23.09 1.95
C SER A 47 -9.57 23.11 1.92
C SER A 47 -9.58 23.09 1.95
N VAL A 48 -8.64 23.37 2.84
CA VAL A 48 -8.57 24.67 3.51
C VAL A 48 -7.33 25.48 3.08
N GLY A 49 -6.78 25.18 1.92
CA GLY A 49 -5.68 25.97 1.34
C GLY A 49 -4.25 25.73 1.71
N PHE A 50 -3.94 24.66 2.47
CA PHE A 50 -2.54 24.34 2.80
C PHE A 50 -1.85 23.57 1.64
N SER A 51 -0.53 23.25 1.81
CA SER A 51 0.30 22.44 0.90
C SER A 51 1.78 22.48 1.34
N ALA A 56 1.13 20.17 5.96
CA ALA A 56 0.17 21.26 6.04
C ALA A 56 0.85 22.56 6.51
N THR A 57 1.81 23.06 5.70
CA THR A 57 2.52 24.27 6.04
C THR A 57 1.74 25.53 5.65
N THR A 58 1.66 26.48 6.58
CA THR A 58 1.02 27.77 6.34
C THR A 58 2.02 28.68 5.56
N THR A 59 1.59 29.89 5.19
CA THR A 59 2.42 30.81 4.42
C THR A 59 3.65 31.27 5.23
N THR A 60 3.47 31.52 6.54
CA THR A 60 4.59 31.91 7.40
C THR A 60 5.59 30.74 7.61
N MET A 61 5.08 29.51 7.64
N MET A 61 5.07 29.50 7.64
N MET A 61 5.08 29.51 7.64
CA MET A 61 5.92 28.33 7.82
CA MET A 61 5.91 28.33 7.82
CA MET A 61 5.92 28.33 7.82
C MET A 61 6.83 28.09 6.61
C MET A 61 6.82 28.10 6.62
C MET A 61 6.83 28.09 6.61
N ARG A 62 6.29 28.25 5.40
CA ARG A 62 7.08 28.06 4.16
C ARG A 62 8.19 29.13 4.01
N LYS A 63 7.93 30.34 4.52
CA LYS A 63 8.87 31.45 4.53
C LYS A 63 10.07 31.09 5.46
N LEU A 64 9.79 30.49 6.64
CA LEU A 64 10.83 30.12 7.60
C LEU A 64 11.35 28.68 7.51
N HIS A 65 11.01 27.95 6.43
CA HIS A 65 11.41 26.54 6.25
C HIS A 65 10.96 25.63 7.42
N LEU A 66 9.75 25.85 7.94
CA LEU A 66 9.20 25.07 9.05
C LEU A 66 8.18 24.06 8.57
N ILE A 67 8.12 22.91 9.26
CA ILE A 67 7.18 21.83 8.96
C ILE A 67 6.60 21.24 10.26
N TRP A 68 5.42 20.63 10.14
CA TRP A 68 4.80 19.87 11.22
C TRP A 68 5.32 18.43 11.07
N VAL A 69 5.70 17.81 12.18
CA VAL A 69 6.19 16.44 12.23
C VAL A 69 5.45 15.70 13.35
N THR A 70 5.11 14.41 13.13
CA THR A 70 4.40 13.64 14.16
C THR A 70 5.32 13.27 15.33
N ALA A 71 4.89 13.57 16.56
CA ALA A 71 5.65 13.20 17.75
C ALA A 71 5.06 11.91 18.35
N ARG A 72 3.72 11.79 18.37
CA ARG A 72 3.04 10.62 18.91
C ARG A 72 1.77 10.34 18.09
N MET A 73 1.44 9.06 17.93
CA MET A 73 0.24 8.59 17.24
C MET A 73 -0.42 7.51 18.11
N HIS A 74 -1.75 7.56 18.28
CA HIS A 74 -2.49 6.63 19.11
C HIS A 74 -3.75 6.20 18.38
N ILE A 75 -3.88 4.91 18.10
CA ILE A 75 -5.05 4.34 17.41
C ILE A 75 -5.74 3.25 18.27
N GLU A 76 -7.07 3.31 18.36
CA GLU A 76 -7.89 2.32 19.03
C GLU A 76 -8.97 1.83 18.07
N ILE A 77 -8.96 0.52 17.76
CA ILE A 77 -9.94 -0.06 16.83
C ILE A 77 -10.87 -1.06 17.54
N TYR A 78 -12.18 -0.85 17.46
CA TYR A 78 -13.20 -1.75 18.04
C TYR A 78 -13.59 -2.83 17.02
N LYS A 79 -13.80 -2.43 15.75
CA LYS A 79 -14.14 -3.37 14.68
C LYS A 79 -13.36 -2.95 13.43
N TYR A 80 -12.66 -3.88 12.79
CA TYR A 80 -11.96 -3.58 11.54
C TYR A 80 -12.99 -3.81 10.42
N PRO A 81 -13.12 -2.87 9.48
CA PRO A 81 -14.11 -3.06 8.40
C PRO A 81 -13.73 -4.21 7.48
N ALA A 82 -14.72 -4.89 6.93
CA ALA A 82 -14.48 -6.01 6.03
C ALA A 82 -14.23 -5.52 4.59
N TRP A 83 -13.62 -6.39 3.76
CA TRP A 83 -13.38 -6.15 2.35
C TRP A 83 -14.73 -5.84 1.66
N GLY A 84 -14.82 -4.68 1.01
CA GLY A 84 -16.06 -4.26 0.36
C GLY A 84 -16.90 -3.32 1.21
N ASP A 85 -16.67 -3.26 2.54
CA ASP A 85 -17.41 -2.38 3.45
C ASP A 85 -17.04 -0.91 3.20
N VAL A 86 -17.96 0.00 3.54
CA VAL A 86 -17.71 1.43 3.41
C VAL A 86 -17.43 2.00 4.80
N VAL A 87 -16.27 2.63 5.00
CA VAL A 87 -15.94 3.26 6.28
C VAL A 87 -15.96 4.81 6.12
N GLU A 88 -16.56 5.55 7.08
CA GLU A 88 -16.57 7.00 7.02
C GLU A 88 -15.63 7.54 8.11
N ILE A 89 -14.72 8.46 7.75
CA ILE A 89 -13.75 8.98 8.71
C ILE A 89 -13.89 10.50 8.85
N GLU A 90 -14.07 10.97 10.08
CA GLU A 90 -14.14 12.41 10.33
C GLU A 90 -12.84 12.87 11.04
N THR A 91 -12.20 13.93 10.55
CA THR A 91 -10.96 14.43 11.12
C THR A 91 -11.02 15.94 11.39
N TRP A 92 -10.24 16.40 12.36
CA TRP A 92 -10.14 17.81 12.71
C TRP A 92 -8.82 18.07 13.45
N CYS A 93 -8.41 19.33 13.52
N CYS A 93 -8.41 19.33 13.52
N CYS A 93 -8.41 19.33 13.52
CA CYS A 93 -7.20 19.74 14.21
CA CYS A 93 -7.21 19.74 14.21
CA CYS A 93 -7.20 19.74 14.21
C CYS A 93 -7.50 20.71 15.35
C CYS A 93 -7.51 20.70 15.35
C CYS A 93 -7.50 20.71 15.35
N GLN A 94 -6.63 20.75 16.35
CA GLN A 94 -6.77 21.68 17.47
C GLN A 94 -5.37 22.15 17.83
N SER A 95 -5.29 23.40 18.26
CA SER A 95 -4.04 23.97 18.73
C SER A 95 -3.82 23.48 20.16
N GLU A 96 -2.58 23.22 20.53
CA GLU A 96 -2.24 22.87 21.90
C GLU A 96 -1.31 23.96 22.42
N GLY A 97 -1.73 25.22 22.29
CA GLY A 97 -0.95 26.39 22.69
C GLY A 97 0.37 26.47 21.94
N ARG A 98 1.46 26.82 22.63
CA ARG A 98 2.77 26.88 21.97
C ARG A 98 3.46 25.50 21.88
N ILE A 99 2.86 24.43 22.45
CA ILE A 99 3.47 23.09 22.38
C ILE A 99 3.47 22.57 20.94
N GLY A 100 2.33 22.64 20.30
CA GLY A 100 2.16 22.16 18.94
C GLY A 100 0.70 22.03 18.60
N THR A 101 0.37 21.05 17.76
CA THR A 101 -0.99 20.82 17.31
C THR A 101 -1.36 19.34 17.47
N ARG A 102 -2.66 19.07 17.38
CA ARG A 102 -3.18 17.73 17.53
C ARG A 102 -4.15 17.47 16.37
N ARG A 103 -4.09 16.29 15.75
CA ARG A 103 -5.08 15.94 14.73
C ARG A 103 -5.81 14.72 15.28
N ASP A 104 -7.15 14.76 15.30
CA ASP A 104 -7.94 13.63 15.79
C ASP A 104 -8.82 13.03 14.68
N TRP A 105 -9.20 11.77 14.82
CA TRP A 105 -10.05 11.10 13.86
C TRP A 105 -11.08 10.23 14.58
N ILE A 106 -12.23 10.02 13.92
CA ILE A 106 -13.29 9.13 14.36
C ILE A 106 -13.67 8.27 13.15
N LEU A 107 -13.68 6.96 13.30
CA LEU A 107 -14.00 6.02 12.21
C LEU A 107 -15.39 5.46 12.47
N LYS A 108 -16.25 5.43 11.46
CA LYS A 108 -17.60 4.86 11.62
C LYS A 108 -17.95 3.89 10.50
N ASP A 109 -18.81 2.93 10.80
CA ASP A 109 -19.34 2.02 9.80
C ASP A 109 -20.43 2.88 9.09
N SER A 110 -20.32 3.05 7.76
CA SER A 110 -21.26 3.88 7.03
C SER A 110 -22.71 3.34 7.08
N VAL A 111 -22.86 2.01 7.18
CA VAL A 111 -24.17 1.36 7.20
C VAL A 111 -24.86 1.47 8.56
N THR A 112 -24.15 1.17 9.65
CA THR A 112 -24.73 1.19 10.99
C THR A 112 -24.62 2.55 11.69
N GLY A 113 -23.62 3.35 11.32
CA GLY A 113 -23.38 4.64 11.95
C GLY A 113 -22.62 4.55 13.26
N GLU A 114 -22.25 3.34 13.69
CA GLU A 114 -21.53 3.17 14.95
C GLU A 114 -20.05 3.51 14.81
N VAL A 115 -19.45 4.05 15.89
CA VAL A 115 -18.03 4.34 15.94
C VAL A 115 -17.29 3.02 16.03
N THR A 116 -16.47 2.71 15.03
CA THR A 116 -15.69 1.47 14.99
C THR A 116 -14.19 1.69 15.36
N GLY A 117 -13.78 2.94 15.49
CA GLY A 117 -12.41 3.27 15.86
C GLY A 117 -12.21 4.75 16.11
N ARG A 118 -11.06 5.08 16.73
CA ARG A 118 -10.69 6.45 16.99
C ARG A 118 -9.18 6.60 17.06
N ALA A 119 -8.70 7.77 16.69
CA ALA A 119 -7.25 8.02 16.69
C ALA A 119 -6.95 9.45 17.07
N THR A 120 -5.74 9.65 17.61
CA THR A 120 -5.25 10.96 17.99
C THR A 120 -3.75 11.02 17.67
N SER A 121 -3.27 12.20 17.32
CA SER A 121 -1.84 12.38 17.00
C SER A 121 -1.37 13.76 17.45
N LYS A 122 -0.13 13.84 17.99
CA LYS A 122 0.47 15.10 18.44
C LYS A 122 1.57 15.47 17.45
N TRP A 123 1.58 16.71 16.99
CA TRP A 123 2.51 17.22 16.02
C TRP A 123 3.32 18.39 16.59
N VAL A 124 4.58 18.46 16.24
CA VAL A 124 5.47 19.53 16.68
C VAL A 124 6.10 20.23 15.49
N MET A 125 6.45 21.49 15.68
CA MET A 125 7.03 22.30 14.63
C MET A 125 8.53 22.15 14.65
N MET A 126 9.10 22.03 13.46
CA MET A 126 10.52 21.78 13.31
C MET A 126 11.09 22.49 12.09
N ASN A 127 12.38 22.93 12.15
CA ASN A 127 13.02 23.49 10.96
C ASN A 127 13.33 22.26 10.09
N GLN A 128 12.92 22.33 8.82
CA GLN A 128 13.06 21.29 7.81
C GLN A 128 14.51 20.79 7.62
N ASP A 129 15.46 21.72 7.66
CA ASP A 129 16.89 21.46 7.42
C ASP A 129 17.70 21.04 8.66
N THR A 130 17.64 21.82 9.76
CA THR A 130 18.41 21.49 10.97
C THR A 130 17.78 20.40 11.83
N ARG A 131 16.47 20.13 11.61
CA ARG A 131 15.71 19.16 12.37
C ARG A 131 15.55 19.61 13.84
N ARG A 132 15.67 20.93 14.14
CA ARG A 132 15.53 21.48 15.48
C ARG A 132 14.10 21.92 15.79
N LEU A 133 13.56 21.43 16.92
CA LEU A 133 12.20 21.75 17.35
C LEU A 133 12.07 23.16 17.87
N GLN A 134 10.88 23.74 17.73
CA GLN A 134 10.62 25.06 18.25
C GLN A 134 9.16 25.23 18.63
N LYS A 135 8.89 26.10 19.61
CA LYS A 135 7.52 26.38 20.06
C LYS A 135 6.77 27.17 18.99
N VAL A 136 5.44 27.01 18.96
CA VAL A 136 4.59 27.67 17.97
C VAL A 136 4.46 29.18 18.23
N SER A 137 4.87 30.02 17.27
CA SER A 137 4.77 31.48 17.43
C SER A 137 3.32 31.98 17.19
N ASP A 138 3.03 33.25 17.54
CA ASP A 138 1.73 33.86 17.33
C ASP A 138 1.36 33.92 15.84
N ASP A 139 2.32 34.32 14.98
CA ASP A 139 2.10 34.44 13.54
C ASP A 139 1.59 33.13 12.93
N VAL A 140 2.19 32.01 13.34
CA VAL A 140 1.78 30.71 12.83
C VAL A 140 0.44 30.32 13.45
N ARG A 141 0.32 30.43 14.77
CA ARG A 141 -0.89 30.10 15.51
C ARG A 141 -2.15 30.80 14.97
N ASP A 142 -2.07 32.09 14.64
CA ASP A 142 -3.22 32.84 14.13
C ASP A 142 -3.64 32.37 12.73
N GLU A 143 -2.68 31.87 11.94
CA GLU A 143 -2.96 31.37 10.59
C GLU A 143 -3.68 30.02 10.57
N TYR A 144 -3.43 29.12 11.55
CA TYR A 144 -4.10 27.82 11.53
C TYR A 144 -5.28 27.71 12.50
N LEU A 145 -5.39 28.64 13.48
CA LEU A 145 -6.50 28.62 14.44
C LEU A 145 -7.88 28.87 13.81
N VAL A 146 -7.94 29.58 12.67
CA VAL A 146 -9.21 29.84 11.98
C VAL A 146 -9.80 28.55 11.32
N PHE A 147 -9.02 27.47 11.24
CA PHE A 147 -9.46 26.19 10.68
C PHE A 147 -9.76 25.13 11.78
N CYS A 148 -9.65 25.50 13.05
CA CYS A 148 -9.82 24.62 14.19
C CYS A 148 -11.03 25.01 15.04
N PRO A 149 -11.75 24.03 15.62
CA PRO A 149 -12.78 24.40 16.62
C PRO A 149 -12.09 25.03 17.83
N GLN A 150 -12.68 26.06 18.45
CA GLN A 150 -12.03 26.76 19.57
C GLN A 150 -12.33 26.10 20.95
N GLU A 151 -13.50 25.48 21.11
CA GLU A 151 -13.81 24.74 22.32
C GLU A 151 -13.15 23.35 22.19
N PRO A 152 -12.80 22.70 23.32
CA PRO A 152 -12.21 21.35 23.23
C PRO A 152 -13.10 20.34 22.49
N ARG A 153 -12.47 19.55 21.63
CA ARG A 153 -13.12 18.48 20.88
C ARG A 153 -12.13 17.32 20.83
N LEU A 154 -12.23 16.38 21.78
CA LEU A 154 -11.27 15.28 21.87
C LEU A 154 -11.84 13.95 21.40
N ALA A 155 -11.08 13.24 20.56
CA ALA A 155 -11.47 11.87 20.19
C ALA A 155 -11.33 10.95 21.42
N PHE A 156 -10.40 11.27 22.34
CA PHE A 156 -10.18 10.52 23.58
C PHE A 156 -10.40 11.44 24.79
N PRO A 157 -11.66 11.71 25.13
CA PRO A 157 -11.93 12.61 26.25
C PRO A 157 -11.53 12.08 27.63
N GLU A 158 -11.81 10.80 27.94
CA GLU A 158 -11.53 10.09 29.21
C GLU A 158 -10.30 10.63 29.99
N GLU A 159 -10.47 10.85 31.30
CA GLU A 159 -9.44 11.44 32.16
C GLU A 159 -8.21 10.54 32.42
N ASN A 160 -8.33 9.22 32.21
CA ASN A 160 -7.17 8.34 32.41
C ASN A 160 -7.02 7.39 31.24
N ASN A 161 -7.19 7.91 30.02
CA ASN A 161 -7.12 7.11 28.80
C ASN A 161 -5.67 6.74 28.41
N ARG A 162 -5.54 5.71 27.56
CA ARG A 162 -4.29 5.17 27.06
C ARG A 162 -3.47 6.08 26.13
N SER A 163 -4.08 7.11 25.51
CA SER A 163 -3.38 8.00 24.58
C SER A 163 -2.33 8.90 25.21
N LEU A 164 -2.40 9.11 26.53
CA LEU A 164 -1.47 9.98 27.24
C LEU A 164 -0.48 9.22 28.15
N LYS A 165 -0.41 7.88 28.04
CA LYS A 165 0.45 7.06 28.88
C LYS A 165 1.94 7.26 28.55
N LYS A 166 2.81 7.18 29.57
CA LYS A 166 4.24 7.33 29.35
C LYS A 166 4.82 5.97 28.89
N ILE A 167 5.69 5.96 27.85
CA ILE A 167 6.25 4.70 27.33
C ILE A 167 7.73 4.52 27.68
N PRO A 168 8.05 3.48 28.46
CA PRO A 168 9.46 3.25 28.80
C PRO A 168 10.29 2.67 27.65
N LYS A 169 11.61 2.66 27.83
CA LYS A 169 12.52 2.12 26.83
C LYS A 169 12.75 0.64 27.15
N LEU A 170 12.54 -0.22 26.16
CA LEU A 170 12.72 -1.67 26.28
C LEU A 170 14.19 -1.96 26.63
N GLU A 171 14.40 -2.86 27.61
CA GLU A 171 15.75 -3.22 28.02
C GLU A 171 16.19 -4.54 27.39
N ASP A 172 17.45 -4.62 26.99
CA ASP A 172 17.99 -5.85 26.40
C ASP A 172 18.16 -6.90 27.53
N PRO A 173 17.88 -8.18 27.27
CA PRO A 173 17.47 -8.75 25.97
C PRO A 173 15.95 -8.67 25.71
N ALA A 174 15.56 -8.44 24.45
CA ALA A 174 14.15 -8.40 24.05
C ALA A 174 13.63 -9.82 24.03
N GLN A 175 12.32 -10.00 24.29
CA GLN A 175 11.74 -11.33 24.25
C GLN A 175 11.71 -11.83 22.79
N TYR A 176 11.34 -10.95 21.85
CA TYR A 176 11.25 -11.28 20.43
C TYR A 176 11.95 -10.21 19.58
N SER A 177 12.36 -10.56 18.35
CA SER A 177 12.98 -9.59 17.47
C SER A 177 12.91 -9.96 15.99
N MET A 178 12.90 -8.95 15.12
CA MET A 178 12.94 -9.08 13.68
C MET A 178 14.06 -8.12 13.25
N ILE A 179 15.12 -8.64 12.66
CA ILE A 179 16.36 -7.91 12.34
C ILE A 179 16.55 -7.62 10.85
N GLY A 180 17.33 -6.59 10.53
CA GLY A 180 17.67 -6.30 9.14
C GLY A 180 16.55 -5.74 8.29
N LEU A 181 15.55 -5.10 8.90
CA LEU A 181 14.44 -4.48 8.17
C LEU A 181 14.91 -3.26 7.37
N LYS A 182 14.63 -3.22 6.06
CA LYS A 182 15.08 -2.13 5.17
C LYS A 182 13.88 -1.57 4.40
N PRO A 183 13.77 -0.25 4.28
CA PRO A 183 12.68 0.31 3.47
C PRO A 183 12.94 0.16 1.96
N ARG A 184 11.90 -0.14 1.19
CA ARG A 184 12.02 -0.15 -0.27
C ARG A 184 11.41 1.18 -0.81
N ARG A 185 11.46 1.44 -2.12
CA ARG A 185 10.93 2.68 -2.67
C ARG A 185 9.44 2.90 -2.38
N ALA A 186 8.64 1.81 -2.34
CA ALA A 186 7.21 1.91 -2.00
C ALA A 186 6.97 2.35 -0.55
N ASP A 187 7.97 2.24 0.32
CA ASP A 187 7.84 2.73 1.71
C ASP A 187 8.09 4.24 1.82
N LEU A 188 8.45 4.93 0.72
CA LEU A 188 8.75 6.36 0.78
C LEU A 188 7.57 7.20 0.29
N ASP A 189 7.46 8.43 0.77
CA ASP A 189 6.40 9.35 0.35
C ASP A 189 6.86 10.19 -0.87
N MET A 190 6.05 11.17 -1.28
CA MET A 190 6.39 12.04 -2.40
C MET A 190 7.66 12.88 -2.14
N ASN A 191 8.08 13.04 -0.89
CA ASN A 191 9.32 13.79 -0.55
C ASN A 191 10.52 12.88 -0.26
N GLN A 192 10.42 11.58 -0.59
CA GLN A 192 11.47 10.55 -0.41
C GLN A 192 11.82 10.27 1.06
N HIS A 193 10.91 10.61 1.98
CA HIS A 193 11.02 10.30 3.40
C HIS A 193 10.25 8.98 3.66
N VAL A 194 10.69 8.18 4.64
CA VAL A 194 9.98 6.95 4.98
C VAL A 194 8.58 7.30 5.53
N ASN A 195 7.53 6.65 5.00
CA ASN A 195 6.15 6.88 5.44
C ASN A 195 6.00 6.37 6.88
N ASN A 196 5.29 7.11 7.73
CA ASN A 196 5.06 6.69 9.12
C ASN A 196 4.35 5.34 9.26
N VAL A 197 3.57 4.94 8.25
CA VAL A 197 2.86 3.68 8.29
C VAL A 197 3.83 2.48 8.19
N THR A 198 5.00 2.67 7.52
CA THR A 198 6.04 1.65 7.47
C THR A 198 6.57 1.34 8.89
N TYR A 199 6.70 2.37 9.77
CA TYR A 199 7.16 2.13 11.15
C TYR A 199 6.16 1.25 11.91
N ILE A 200 4.85 1.42 11.65
CA ILE A 200 3.81 0.58 12.24
C ILE A 200 4.04 -0.87 11.81
N GLY A 201 4.25 -1.10 10.51
CA GLY A 201 4.52 -2.44 10.00
C GLY A 201 5.75 -3.07 10.62
N TRP A 202 6.85 -2.30 10.70
CA TRP A 202 8.08 -2.76 11.30
C TRP A 202 7.93 -3.09 12.77
N VAL A 203 7.21 -2.25 13.54
CA VAL A 203 6.91 -2.53 14.96
C VAL A 203 6.20 -3.92 15.11
N LEU A 204 5.15 -4.12 14.31
CA LEU A 204 4.34 -5.33 14.31
C LEU A 204 5.08 -6.61 13.82
N GLU A 205 6.16 -6.44 13.05
CA GLU A 205 6.92 -7.58 12.54
C GLU A 205 7.52 -8.48 13.65
N SER A 206 7.86 -7.90 14.81
CA SER A 206 8.43 -8.70 15.89
C SER A 206 7.34 -9.33 16.83
N ILE A 207 6.05 -9.14 16.54
CA ILE A 207 4.99 -9.83 17.29
C ILE A 207 4.96 -11.25 16.70
N PRO A 208 5.01 -12.31 17.54
CA PRO A 208 4.95 -13.68 16.99
C PRO A 208 3.70 -13.93 16.16
N GLN A 209 3.83 -14.74 15.12
CA GLN A 209 2.74 -15.09 14.22
C GLN A 209 1.53 -15.70 14.94
N GLU A 210 1.75 -16.52 15.98
CA GLU A 210 0.68 -17.14 16.76
C GLU A 210 -0.20 -16.11 17.43
N ILE A 211 0.39 -15.01 17.93
CA ILE A 211 -0.39 -13.93 18.53
C ILE A 211 -1.24 -13.26 17.45
N VAL A 212 -0.65 -12.98 16.28
CA VAL A 212 -1.39 -12.37 15.17
C VAL A 212 -2.56 -13.26 14.70
N ASP A 213 -2.36 -14.60 14.68
CA ASP A 213 -3.36 -15.58 14.26
C ASP A 213 -4.53 -15.75 15.24
N THR A 214 -4.28 -15.58 16.56
CA THR A 214 -5.31 -15.78 17.58
C THR A 214 -5.86 -14.51 18.22
N HIS A 215 -5.24 -13.36 17.96
CA HIS A 215 -5.66 -12.09 18.56
C HIS A 215 -5.94 -11.00 17.52
N GLU A 216 -6.68 -9.97 17.93
CA GLU A 216 -6.89 -8.79 17.11
C GLU A 216 -6.25 -7.62 17.85
N LEU A 217 -5.55 -6.75 17.12
CA LEU A 217 -4.93 -5.57 17.70
C LEU A 217 -6.04 -4.55 18.05
N GLN A 218 -6.17 -4.20 19.32
CA GLN A 218 -7.12 -3.20 19.80
C GLN A 218 -6.51 -1.81 19.92
N VAL A 219 -5.29 -1.67 20.49
CA VAL A 219 -4.69 -0.36 20.69
C VAL A 219 -3.23 -0.40 20.27
N ILE A 220 -2.74 0.69 19.67
CA ILE A 220 -1.34 0.92 19.31
C ILE A 220 -0.97 2.39 19.60
N THR A 221 0.11 2.60 20.36
CA THR A 221 0.63 3.94 20.65
C THR A 221 2.07 3.96 20.21
N LEU A 222 2.46 4.94 19.40
CA LEU A 222 3.82 5.05 18.91
C LEU A 222 4.37 6.45 19.19
N ASP A 223 5.59 6.55 19.75
CA ASP A 223 6.33 7.79 19.97
C ASP A 223 7.44 7.81 18.91
N TYR A 224 7.48 8.86 18.06
CA TYR A 224 8.45 9.00 16.99
C TYR A 224 9.64 9.84 17.50
N ARG A 225 10.84 9.27 17.51
CA ARG A 225 12.01 9.97 18.04
C ARG A 225 12.95 10.47 16.97
N ARG A 226 13.16 9.65 15.95
CA ARG A 226 14.11 9.94 14.89
C ARG A 226 13.60 9.31 13.62
N GLU A 227 13.91 9.91 12.50
CA GLU A 227 13.54 9.41 11.20
C GLU A 227 14.56 8.35 10.66
N CYS A 228 14.06 7.33 9.96
CA CYS A 228 14.88 6.28 9.34
C CYS A 228 15.14 6.78 7.91
N GLN A 229 16.43 6.88 7.52
CA GLN A 229 16.76 7.31 6.16
C GLN A 229 16.57 6.13 5.19
N GLN A 230 16.59 6.41 3.88
CA GLN A 230 16.43 5.42 2.82
C GLN A 230 17.49 4.31 2.88
N ASP A 231 18.73 4.62 3.29
CA ASP A 231 19.79 3.62 3.36
C ASP A 231 20.03 3.06 4.78
N ASP A 232 19.10 3.30 5.72
CA ASP A 232 19.21 2.78 7.07
C ASP A 232 18.65 1.34 7.18
N VAL A 233 19.08 0.61 8.20
CA VAL A 233 18.64 -0.75 8.48
C VAL A 233 18.16 -0.78 9.93
N VAL A 234 16.97 -1.34 10.16
CA VAL A 234 16.34 -1.31 11.48
C VAL A 234 16.13 -2.69 12.10
N ASP A 235 16.20 -2.74 13.43
CA ASP A 235 15.87 -3.90 14.23
C ASP A 235 14.58 -3.58 15.00
N SER A 236 13.63 -4.52 15.00
CA SER A 236 12.33 -4.38 15.67
C SER A 236 12.34 -5.31 16.91
N LEU A 237 12.14 -4.75 18.10
CA LEU A 237 12.22 -5.49 19.36
C LEU A 237 10.87 -5.45 20.10
N THR A 238 10.44 -6.58 20.68
CA THR A 238 9.16 -6.68 21.39
C THR A 238 9.32 -7.54 22.67
N THR A 239 8.73 -7.08 23.79
CA THR A 239 8.68 -7.85 25.04
C THR A 239 7.25 -7.82 25.57
N THR A 240 6.73 -8.97 26.00
CA THR A 240 5.39 -9.03 26.59
C THR A 240 5.43 -8.36 27.97
N THR A 241 4.52 -7.43 28.24
CA THR A 241 4.44 -6.75 29.53
C THR A 241 3.21 -7.16 30.34
N SER A 242 2.30 -7.98 29.77
CA SER A 242 1.10 -8.42 30.48
C SER A 242 1.36 -9.67 31.35
N ASN A 259 -7.20 -12.67 29.17
CA ASN A 259 -7.85 -12.53 27.86
C ASN A 259 -7.17 -11.50 26.94
N ASP A 260 -6.39 -10.55 27.49
CA ASP A 260 -5.69 -9.54 26.69
C ASP A 260 -4.16 -9.71 26.79
N SER A 261 -3.43 -9.22 25.79
CA SER A 261 -1.97 -9.29 25.78
C SER A 261 -1.42 -7.90 25.47
N GLN A 262 -0.41 -7.47 26.21
CA GLN A 262 0.22 -6.18 26.00
C GLN A 262 1.68 -6.39 25.70
N PHE A 263 2.22 -5.53 24.84
CA PHE A 263 3.64 -5.59 24.48
C PHE A 263 4.26 -4.22 24.54
N LEU A 264 5.56 -4.20 24.81
CA LEU A 264 6.39 -3.01 24.78
C LEU A 264 7.24 -3.19 23.50
N HIS A 265 7.42 -2.11 22.71
CA HIS A 265 8.13 -2.18 21.45
C HIS A 265 9.24 -1.17 21.36
N LEU A 266 10.22 -1.46 20.48
CA LEU A 266 11.33 -0.56 20.22
C LEU A 266 11.90 -0.80 18.82
N LEU A 267 12.04 0.26 18.01
CA LEU A 267 12.76 0.16 16.73
C LEU A 267 14.05 0.92 16.91
N ARG A 268 15.17 0.31 16.52
CA ARG A 268 16.46 1.00 16.61
C ARG A 268 17.33 0.68 15.40
N LEU A 269 18.33 1.52 15.10
CA LEU A 269 19.25 1.23 13.99
C LEU A 269 20.01 -0.06 14.24
N SER A 270 20.11 -0.90 13.21
CA SER A 270 20.72 -2.23 13.27
C SER A 270 22.16 -2.24 13.77
N GLY A 271 22.89 -1.18 13.47
CA GLY A 271 24.28 -1.05 13.86
C GLY A 271 24.52 -0.49 15.24
N ASP A 272 24.48 0.86 15.37
CA ASP A 272 24.81 1.49 16.65
C ASP A 272 23.68 1.45 17.69
N GLY A 273 22.49 1.01 17.31
CA GLY A 273 21.39 0.90 18.27
C GLY A 273 20.70 2.22 18.60
N GLN A 274 20.90 3.24 17.76
CA GLN A 274 20.24 4.53 17.93
C GLN A 274 18.71 4.36 17.84
N GLU A 275 17.95 4.85 18.84
CA GLU A 275 16.48 4.73 18.86
C GLU A 275 15.75 5.50 17.73
N ILE A 276 14.84 4.84 17.01
CA ILE A 276 14.05 5.56 16.01
C ILE A 276 12.60 5.75 16.55
N ASN A 277 12.03 4.71 17.18
CA ASN A 277 10.67 4.71 17.72
C ASN A 277 10.58 3.83 18.95
N ARG A 278 9.59 4.08 19.79
CA ARG A 278 9.18 3.22 20.88
C ARG A 278 7.63 3.20 20.90
N GLY A 279 7.05 2.12 21.39
CA GLY A 279 5.59 2.03 21.42
C GLY A 279 5.05 0.92 22.29
N THR A 280 3.71 0.81 22.36
CA THR A 280 2.99 -0.23 23.09
C THR A 280 1.79 -0.68 22.23
N THR A 281 1.47 -1.96 22.31
CA THR A 281 0.28 -2.52 21.67
C THR A 281 -0.54 -3.32 22.70
N LEU A 282 -1.86 -3.38 22.49
CA LEU A 282 -2.78 -4.15 23.31
C LEU A 282 -3.62 -5.00 22.35
N TRP A 283 -3.64 -6.31 22.57
CA TRP A 283 -4.31 -7.27 21.70
C TRP A 283 -5.39 -8.02 22.48
N ARG A 284 -6.51 -8.33 21.82
CA ARG A 284 -7.60 -9.07 22.48
C ARG A 284 -7.87 -10.39 21.75
N LYS A 285 -8.17 -11.46 22.49
CA LYS A 285 -8.44 -12.78 21.92
C LYS A 285 -9.63 -12.72 20.95
N LYS A 286 -9.54 -13.43 19.81
CA LYS A 286 -10.65 -13.45 18.85
C LYS A 286 -11.81 -14.28 19.40
N GLY B 2 -18.03 0.79 -9.26
CA GLY B 2 -17.71 -0.15 -10.33
C GLY B 2 -18.91 -0.92 -10.82
N SER B 3 -18.88 -1.35 -12.09
CA SER B 3 -19.99 -2.09 -12.65
C SER B 3 -19.60 -2.81 -13.92
N LEU B 4 -20.34 -3.89 -14.22
CA LEU B 4 -20.22 -4.59 -15.51
C LEU B 4 -20.75 -3.63 -16.60
N THR B 5 -20.22 -3.71 -17.82
CA THR B 5 -20.72 -2.92 -18.94
C THR B 5 -22.10 -3.52 -19.37
N GLU B 6 -22.80 -2.85 -20.31
CA GLU B 6 -24.10 -3.24 -20.82
C GLU B 6 -24.18 -4.68 -21.30
N ASP B 7 -23.19 -5.13 -22.07
CA ASP B 7 -23.21 -6.52 -22.58
C ASP B 7 -22.81 -7.57 -21.49
N GLY B 8 -22.38 -7.13 -20.31
CA GLY B 8 -21.97 -8.01 -19.23
C GLY B 8 -20.68 -8.76 -19.51
N LEU B 9 -19.92 -8.38 -20.54
CA LEU B 9 -18.68 -9.05 -20.92
C LEU B 9 -17.39 -8.30 -20.53
N SER B 10 -17.51 -7.19 -19.81
CA SER B 10 -16.35 -6.44 -19.29
C SER B 10 -16.78 -5.61 -18.06
N TYR B 11 -15.83 -5.03 -17.35
CA TYR B 11 -16.11 -4.35 -16.10
C TYR B 11 -15.28 -3.07 -16.02
N LYS B 12 -15.89 -1.97 -15.55
CA LYS B 12 -15.22 -0.68 -15.40
C LYS B 12 -15.30 -0.19 -13.97
N GLU B 13 -14.27 0.52 -13.52
CA GLU B 13 -14.23 1.11 -12.19
C GLU B 13 -13.35 2.37 -12.22
N LYS B 14 -13.73 3.38 -11.44
CA LYS B 14 -13.00 4.63 -11.33
C LYS B 14 -12.31 4.68 -9.99
N PHE B 15 -11.11 5.25 -9.96
CA PHE B 15 -10.31 5.41 -8.76
C PHE B 15 -9.75 6.82 -8.71
N VAL B 16 -9.76 7.44 -7.52
CA VAL B 16 -9.15 8.75 -7.35
C VAL B 16 -7.78 8.49 -6.74
N VAL B 17 -6.69 8.91 -7.41
CA VAL B 17 -5.33 8.66 -6.92
C VAL B 17 -5.06 9.32 -5.52
N ARG B 18 -4.64 8.50 -4.52
CA ARG B 18 -4.38 8.94 -3.14
C ARG B 18 -2.99 9.51 -2.88
N SER B 19 -2.82 10.35 -1.84
CA SER B 19 -1.55 10.97 -1.46
C SER B 19 -0.42 9.99 -1.21
N TYR B 20 -0.65 8.90 -0.48
CA TYR B 20 0.38 7.88 -0.24
C TYR B 20 0.64 6.96 -1.45
N GLU B 21 -0.14 7.09 -2.51
CA GLU B 21 0.00 6.26 -3.72
C GLU B 21 0.96 6.83 -4.76
N VAL B 22 1.52 8.05 -4.52
CA VAL B 22 2.38 8.72 -5.50
C VAL B 22 3.84 8.77 -5.09
N GLY B 23 4.72 8.91 -6.08
CA GLY B 23 6.17 9.06 -5.89
C GLY B 23 6.63 10.50 -5.88
N SER B 24 7.94 10.73 -6.09
CA SER B 24 8.52 12.09 -6.04
C SER B 24 8.00 13.06 -7.13
N ASN B 25 7.45 12.51 -8.21
CA ASN B 25 6.88 13.31 -9.31
C ASN B 25 5.38 13.66 -9.08
N LYS B 26 4.83 13.33 -7.89
CA LYS B 26 3.43 13.50 -7.51
C LYS B 26 2.48 12.78 -8.48
N THR B 27 2.95 11.64 -9.07
CA THR B 27 2.15 10.77 -9.92
C THR B 27 2.18 9.35 -9.36
N ALA B 28 1.14 8.55 -9.66
CA ALA B 28 1.01 7.17 -9.19
C ALA B 28 2.23 6.34 -9.58
N THR B 29 2.73 5.50 -8.67
CA THR B 29 3.86 4.63 -8.98
C THR B 29 3.33 3.44 -9.81
N VAL B 30 4.22 2.65 -10.42
CA VAL B 30 3.78 1.45 -11.15
C VAL B 30 3.15 0.43 -10.19
N GLU B 31 3.57 0.41 -8.91
CA GLU B 31 3.00 -0.50 -7.92
C GLU B 31 1.57 -0.10 -7.60
N THR B 32 1.27 1.22 -7.55
CA THR B 32 -0.10 1.67 -7.30
C THR B 32 -0.97 1.25 -8.50
N ILE B 33 -0.48 1.46 -9.73
CA ILE B 33 -1.21 1.04 -10.93
C ILE B 33 -1.49 -0.47 -10.90
N ALA B 34 -0.46 -1.28 -10.61
CA ALA B 34 -0.58 -2.73 -10.52
C ALA B 34 -1.59 -3.15 -9.47
N ASN B 35 -1.61 -2.46 -8.31
CA ASN B 35 -2.60 -2.73 -7.25
C ASN B 35 -4.03 -2.48 -7.75
N LEU B 36 -4.23 -1.36 -8.49
CA LEU B 36 -5.51 -0.97 -9.06
C LEU B 36 -5.96 -1.99 -10.11
N LEU B 37 -5.02 -2.52 -10.91
CA LEU B 37 -5.36 -3.57 -11.88
C LEU B 37 -5.89 -4.82 -11.15
N GLN B 38 -5.23 -5.22 -10.06
CA GLN B 38 -5.67 -6.37 -9.28
C GLN B 38 -7.05 -6.13 -8.68
N GLU B 39 -7.28 -4.95 -8.08
CA GLU B 39 -8.55 -4.57 -7.46
C GLU B 39 -9.73 -4.63 -8.45
N VAL B 40 -9.56 -4.09 -9.66
CA VAL B 40 -10.62 -4.09 -10.66
C VAL B 40 -10.89 -5.53 -11.18
N GLY B 41 -9.84 -6.35 -11.28
CA GLY B 41 -9.96 -7.76 -11.66
C GLY B 41 -10.76 -8.51 -10.62
N CYS B 42 -10.47 -8.25 -9.33
N CYS B 42 -10.47 -8.26 -9.35
N CYS B 42 -10.47 -8.25 -9.33
CA CYS B 42 -11.16 -8.88 -8.22
CA CYS B 42 -11.16 -8.90 -8.25
CA CYS B 42 -11.16 -8.88 -8.22
C CYS B 42 -12.64 -8.49 -8.22
C CYS B 42 -12.63 -8.50 -8.22
C CYS B 42 -12.64 -8.49 -8.22
N ASN B 43 -12.93 -7.22 -8.47
CA ASN B 43 -14.32 -6.73 -8.48
C ASN B 43 -15.11 -7.33 -9.67
N HIS B 44 -14.45 -7.53 -10.81
CA HIS B 44 -15.06 -8.17 -11.96
C HIS B 44 -15.46 -9.63 -11.61
N ALA B 45 -14.52 -10.42 -11.04
CA ALA B 45 -14.79 -11.81 -10.63
C ALA B 45 -15.97 -11.88 -9.63
N GLN B 46 -16.02 -10.96 -8.67
CA GLN B 46 -17.10 -10.90 -7.70
C GLN B 46 -18.45 -10.61 -8.36
N SER B 47 -18.46 -9.66 -9.31
CA SER B 47 -19.70 -9.27 -9.97
C SER B 47 -20.35 -10.36 -10.80
N VAL B 48 -19.58 -11.34 -11.25
CA VAL B 48 -20.12 -12.44 -12.04
C VAL B 48 -20.17 -13.77 -11.25
N GLY B 49 -20.18 -13.68 -9.91
CA GLY B 49 -20.35 -14.79 -9.00
C GLY B 49 -19.20 -15.73 -8.67
N PHE B 50 -17.96 -15.29 -8.79
CA PHE B 50 -16.80 -16.13 -8.48
C PHE B 50 -16.31 -16.00 -7.02
N SER B 51 -15.28 -16.81 -6.65
CA SER B 51 -14.65 -16.85 -5.32
C SER B 51 -14.26 -15.48 -4.80
N ALA B 56 -10.40 -16.37 -8.86
CA ALA B 56 -11.70 -16.52 -9.50
C ALA B 56 -11.96 -17.99 -9.86
N THR B 57 -12.09 -18.84 -8.84
CA THR B 57 -12.33 -20.26 -9.06
C THR B 57 -13.79 -20.56 -9.39
N THR B 58 -14.02 -21.34 -10.46
CA THR B 58 -15.36 -21.79 -10.86
C THR B 58 -15.83 -22.92 -9.89
N THR B 59 -17.07 -23.40 -10.06
CA THR B 59 -17.66 -24.43 -9.20
C THR B 59 -16.89 -25.77 -9.30
N THR B 60 -16.51 -26.18 -10.52
CA THR B 60 -15.75 -27.41 -10.72
C THR B 60 -14.30 -27.29 -10.21
N MET B 61 -13.73 -26.07 -10.24
CA MET B 61 -12.37 -25.84 -9.76
C MET B 61 -12.27 -26.06 -8.24
N ARG B 62 -13.26 -25.59 -7.48
CA ARG B 62 -13.27 -25.74 -6.01
C ARG B 62 -13.31 -27.22 -5.58
N LYS B 63 -14.07 -28.04 -6.30
CA LYS B 63 -14.16 -29.48 -5.99
C LYS B 63 -12.82 -30.16 -6.26
N LEU B 64 -12.15 -29.78 -7.36
CA LEU B 64 -10.87 -30.35 -7.74
C LEU B 64 -9.65 -29.68 -7.11
N HIS B 65 -9.85 -28.71 -6.20
CA HIS B 65 -8.75 -27.95 -5.55
C HIS B 65 -7.86 -27.23 -6.58
N LEU B 66 -8.45 -26.69 -7.64
CA LEU B 66 -7.71 -25.98 -8.69
C LEU B 66 -7.82 -24.48 -8.55
N ILE B 67 -6.75 -23.75 -8.94
CA ILE B 67 -6.69 -22.29 -8.91
C ILE B 67 -6.02 -21.74 -10.17
N TRP B 68 -6.31 -20.47 -10.49
CA TRP B 68 -5.65 -19.73 -11.55
C TRP B 68 -4.44 -19.04 -10.90
N VAL B 69 -3.29 -19.10 -11.55
CA VAL B 69 -2.05 -18.47 -11.10
C VAL B 69 -1.45 -17.65 -12.26
N THR B 70 -0.87 -16.49 -11.97
CA THR B 70 -0.28 -15.65 -13.04
C THR B 70 1.03 -16.25 -13.54
N ALA B 71 1.15 -16.42 -14.85
CA ALA B 71 2.40 -16.90 -15.46
C ALA B 71 3.21 -15.70 -15.98
N ARG B 72 2.53 -14.69 -16.53
CA ARG B 72 3.19 -13.55 -17.13
C ARG B 72 2.28 -12.32 -16.99
N MET B 73 2.89 -11.16 -16.74
CA MET B 73 2.21 -9.87 -16.60
C MET B 73 2.98 -8.83 -17.44
N HIS B 74 2.26 -8.01 -18.22
CA HIS B 74 2.86 -7.01 -19.09
C HIS B 74 2.09 -5.69 -18.94
N ILE B 75 2.76 -4.63 -18.52
CA ILE B 75 2.17 -3.32 -18.35
C ILE B 75 2.91 -2.24 -19.17
N GLU B 76 2.15 -1.40 -19.89
N GLU B 76 2.14 -1.41 -19.90
N GLU B 76 2.15 -1.40 -19.89
CA GLU B 76 2.69 -0.29 -20.64
CA GLU B 76 2.67 -0.28 -20.66
CA GLU B 76 2.69 -0.29 -20.64
C GLU B 76 1.95 0.98 -20.24
C GLU B 76 1.94 0.98 -20.21
C GLU B 76 1.95 0.98 -20.24
N ILE B 77 2.68 1.96 -19.69
CA ILE B 77 2.10 3.23 -19.23
C ILE B 77 2.58 4.42 -20.07
N TYR B 78 1.66 5.19 -20.64
CA TYR B 78 1.96 6.39 -21.43
C TYR B 78 1.99 7.64 -20.52
N LYS B 79 1.02 7.75 -19.60
CA LYS B 79 0.97 8.85 -18.63
C LYS B 79 0.55 8.27 -17.29
N TYR B 80 1.28 8.59 -16.23
CA TYR B 80 0.90 8.17 -14.89
C TYR B 80 -0.04 9.24 -14.34
N PRO B 81 -1.21 8.87 -13.78
CA PRO B 81 -2.13 9.89 -13.26
C PRO B 81 -1.56 10.63 -12.07
N ALA B 82 -1.92 11.88 -11.91
CA ALA B 82 -1.43 12.70 -10.81
C ALA B 82 -2.29 12.47 -9.54
N TRP B 83 -1.73 12.81 -8.38
CA TRP B 83 -2.41 12.77 -7.08
C TRP B 83 -3.70 13.61 -7.17
N GLY B 84 -4.85 12.99 -6.88
CA GLY B 84 -6.14 13.65 -6.99
C GLY B 84 -6.88 13.40 -8.30
N ASP B 85 -6.16 12.94 -9.35
CA ASP B 85 -6.76 12.64 -10.65
C ASP B 85 -7.67 11.40 -10.57
N VAL B 86 -8.65 11.32 -11.46
CA VAL B 86 -9.54 10.17 -11.52
C VAL B 86 -9.11 9.29 -12.71
N VAL B 87 -8.80 8.02 -12.47
CA VAL B 87 -8.45 7.10 -13.55
C VAL B 87 -9.59 6.05 -13.73
N GLU B 88 -9.99 5.74 -14.98
CA GLU B 88 -11.02 4.73 -15.22
C GLU B 88 -10.34 3.50 -15.82
N ILE B 89 -10.61 2.30 -15.28
CA ILE B 89 -9.98 1.08 -15.77
C ILE B 89 -11.03 0.08 -16.26
N GLU B 90 -10.89 -0.39 -17.50
CA GLU B 90 -11.79 -1.41 -18.03
C GLU B 90 -11.03 -2.75 -18.13
N THR B 91 -11.62 -3.83 -17.63
CA THR B 91 -10.97 -5.13 -17.65
C THR B 91 -11.92 -6.21 -18.21
N TRP B 92 -11.34 -7.26 -18.79
CA TRP B 92 -12.08 -8.39 -19.33
C TRP B 92 -11.15 -9.63 -19.41
N CYS B 93 -11.75 -10.81 -19.52
N CYS B 93 -11.75 -10.81 -19.53
N CYS B 93 -11.75 -10.81 -19.52
CA CYS B 93 -11.01 -12.07 -19.64
CA CYS B 93 -11.01 -12.06 -19.65
CA CYS B 93 -11.01 -12.07 -19.64
C CYS B 93 -11.32 -12.76 -20.96
C CYS B 93 -11.32 -12.75 -20.97
C CYS B 93 -11.32 -12.76 -20.96
N GLN B 94 -10.39 -13.60 -21.42
CA GLN B 94 -10.56 -14.35 -22.65
C GLN B 94 -9.92 -15.72 -22.43
N SER B 95 -10.54 -16.75 -22.98
CA SER B 95 -10.00 -18.10 -22.92
C SER B 95 -8.90 -18.21 -23.97
N GLU B 96 -7.83 -18.93 -23.68
CA GLU B 96 -6.77 -19.20 -24.64
C GLU B 96 -6.74 -20.71 -24.87
N GLY B 97 -7.91 -21.29 -25.18
CA GLY B 97 -8.07 -22.72 -25.38
C GLY B 97 -7.69 -23.52 -24.16
N ARG B 98 -6.97 -24.63 -24.35
CA ARG B 98 -6.53 -25.46 -23.22
C ARG B 98 -5.28 -24.90 -22.52
N ILE B 99 -4.62 -23.87 -23.10
CA ILE B 99 -3.40 -23.31 -22.50
C ILE B 99 -3.71 -22.66 -21.13
N GLY B 100 -4.73 -21.81 -21.12
CA GLY B 100 -5.11 -21.09 -19.93
C GLY B 100 -6.04 -19.95 -20.27
N THR B 101 -5.92 -18.88 -19.51
CA THR B 101 -6.76 -17.69 -19.68
C THR B 101 -5.90 -16.42 -19.70
N ARG B 102 -6.50 -15.33 -20.15
CA ARG B 102 -5.84 -14.06 -20.24
C ARG B 102 -6.74 -12.99 -19.63
N ARG B 103 -6.19 -12.06 -18.84
CA ARG B 103 -6.99 -10.94 -18.35
C ARG B 103 -6.32 -9.69 -18.92
N ASP B 104 -7.09 -8.82 -19.57
CA ASP B 104 -6.55 -7.57 -20.13
C ASP B 104 -7.16 -6.32 -19.45
N TRP B 105 -6.44 -5.20 -19.50
CA TRP B 105 -6.92 -3.96 -18.93
C TRP B 105 -6.59 -2.79 -19.86
N ILE B 106 -7.41 -1.74 -19.78
CA ILE B 106 -7.22 -0.47 -20.47
C ILE B 106 -7.40 0.64 -19.41
N LEU B 107 -6.42 1.52 -19.27
N LEU B 107 -6.42 1.52 -19.27
N LEU B 107 -6.42 1.52 -19.27
CA LEU B 107 -6.48 2.62 -18.32
CA LEU B 107 -6.48 2.62 -18.32
CA LEU B 107 -6.48 2.62 -18.32
C LEU B 107 -6.74 3.92 -19.06
C LEU B 107 -6.75 3.91 -19.07
C LEU B 107 -6.74 3.92 -19.06
N LYS B 108 -7.69 4.73 -18.59
CA LYS B 108 -8.01 6.02 -19.23
C LYS B 108 -8.08 7.18 -18.24
N ASP B 109 -7.77 8.38 -18.71
CA ASP B 109 -7.92 9.58 -17.91
C ASP B 109 -9.44 9.85 -17.96
N SER B 110 -10.12 9.92 -16.80
CA SER B 110 -11.56 10.13 -16.78
C SER B 110 -11.99 11.48 -17.37
N VAL B 111 -11.13 12.50 -17.26
CA VAL B 111 -11.43 13.83 -17.75
C VAL B 111 -11.27 13.96 -19.27
N THR B 112 -10.16 13.47 -19.82
CA THR B 112 -9.90 13.58 -21.26
C THR B 112 -10.43 12.40 -22.08
N GLY B 113 -10.57 11.23 -21.46
CA GLY B 113 -11.02 10.03 -22.14
C GLY B 113 -9.92 9.30 -22.92
N GLU B 114 -8.68 9.83 -22.88
CA GLU B 114 -7.58 9.21 -23.60
C GLU B 114 -7.03 8.00 -22.87
N VAL B 115 -6.55 7.01 -23.63
CA VAL B 115 -5.91 5.82 -23.07
C VAL B 115 -4.53 6.24 -22.54
N THR B 116 -4.33 6.12 -21.24
CA THR B 116 -3.06 6.45 -20.60
C THR B 116 -2.20 5.21 -20.28
N GLY B 117 -2.76 4.02 -20.44
CA GLY B 117 -2.04 2.78 -20.20
C GLY B 117 -2.81 1.55 -20.61
N ARG B 118 -2.10 0.42 -20.69
N ARG B 118 -2.10 0.42 -20.69
N ARG B 118 -2.10 0.42 -20.68
CA ARG B 118 -2.71 -0.86 -21.03
CA ARG B 118 -2.71 -0.86 -21.02
CA ARG B 118 -2.71 -0.86 -21.01
C ARG B 118 -1.91 -2.01 -20.44
C ARG B 118 -1.91 -2.01 -20.44
C ARG B 118 -1.91 -2.00 -20.42
N ALA B 119 -2.58 -3.10 -20.09
CA ALA B 119 -1.94 -4.26 -19.48
C ALA B 119 -2.56 -5.55 -19.93
N THR B 120 -1.76 -6.62 -19.89
CA THR B 120 -2.18 -7.96 -20.25
C THR B 120 -1.52 -8.96 -19.30
N SER B 121 -2.22 -10.05 -19.00
CA SER B 121 -1.68 -11.08 -18.10
C SER B 121 -2.13 -12.47 -18.56
N LYS B 122 -1.24 -13.47 -18.47
CA LYS B 122 -1.53 -14.87 -18.84
C LYS B 122 -1.61 -15.68 -17.54
N TRP B 123 -2.66 -16.47 -17.40
CA TRP B 123 -2.93 -17.27 -16.23
C TRP B 123 -3.00 -18.76 -16.59
N VAL B 124 -2.48 -19.59 -15.71
CA VAL B 124 -2.48 -21.04 -15.91
C VAL B 124 -3.17 -21.72 -14.72
N MET B 125 -3.73 -22.90 -14.98
CA MET B 125 -4.44 -23.63 -13.95
C MET B 125 -3.46 -24.56 -13.24
N MET B 126 -3.54 -24.60 -11.92
CA MET B 126 -2.70 -25.50 -11.14
C MET B 126 -3.42 -26.04 -9.92
N ASN B 127 -3.01 -27.24 -9.47
CA ASN B 127 -3.56 -27.81 -8.24
C ASN B 127 -2.97 -26.99 -7.10
N GLN B 128 -3.84 -26.50 -6.21
CA GLN B 128 -3.53 -25.66 -5.06
C GLN B 128 -2.45 -26.25 -4.13
N ASP B 129 -2.51 -27.55 -3.90
CA ASP B 129 -1.63 -28.29 -2.98
C ASP B 129 -0.32 -28.78 -3.59
N THR B 130 -0.37 -29.54 -4.72
CA THR B 130 0.86 -30.05 -5.35
C THR B 130 1.64 -29.02 -6.16
N ARG B 131 0.98 -27.89 -6.52
CA ARG B 131 1.52 -26.83 -7.37
C ARG B 131 1.80 -27.33 -8.80
N ARG B 132 1.16 -28.43 -9.23
CA ARG B 132 1.34 -28.98 -10.56
C ARG B 132 0.37 -28.38 -11.58
N LEU B 133 0.93 -27.90 -12.70
CA LEU B 133 0.18 -27.28 -13.80
C LEU B 133 -0.63 -28.31 -14.56
N GLN B 134 -1.77 -27.89 -15.13
CA GLN B 134 -2.59 -28.76 -15.96
C GLN B 134 -3.35 -27.97 -17.00
N LYS B 135 -3.66 -28.63 -18.12
CA LYS B 135 -4.42 -28.02 -19.20
C LYS B 135 -5.85 -27.71 -18.76
N VAL B 136 -6.48 -26.77 -19.45
CA VAL B 136 -7.84 -26.37 -19.13
C VAL B 136 -8.85 -27.41 -19.64
N SER B 137 -9.55 -28.05 -18.71
CA SER B 137 -10.58 -29.05 -19.05
C SER B 137 -11.77 -28.39 -19.74
N ASP B 138 -12.58 -29.16 -20.50
CA ASP B 138 -13.76 -28.59 -21.15
C ASP B 138 -14.83 -28.20 -20.13
N ASP B 139 -14.96 -29.00 -19.04
CA ASP B 139 -15.91 -28.74 -17.96
C ASP B 139 -15.56 -27.41 -17.29
N VAL B 140 -14.26 -27.19 -17.02
CA VAL B 140 -13.75 -25.97 -16.43
C VAL B 140 -13.32 -25.06 -17.58
N ARG B 141 -14.28 -24.67 -18.40
CA ARG B 141 -14.10 -23.83 -19.58
C ARG B 141 -15.47 -23.35 -20.05
N ASP B 142 -16.46 -24.26 -20.08
CA ASP B 142 -17.83 -23.89 -20.40
C ASP B 142 -18.38 -22.98 -19.31
N GLU B 143 -17.97 -23.20 -18.04
CA GLU B 143 -18.36 -22.38 -16.90
C GLU B 143 -17.80 -20.96 -16.93
N TYR B 144 -16.61 -20.71 -17.53
CA TYR B 144 -16.06 -19.35 -17.54
C TYR B 144 -16.20 -18.64 -18.91
N LEU B 145 -16.43 -19.40 -20.00
CA LEU B 145 -16.59 -18.79 -21.33
C LEU B 145 -17.83 -17.92 -21.46
N VAL B 146 -18.86 -18.20 -20.66
CA VAL B 146 -20.09 -17.39 -20.65
C VAL B 146 -19.86 -15.94 -20.11
N PHE B 147 -18.71 -15.69 -19.47
CA PHE B 147 -18.33 -14.38 -18.93
C PHE B 147 -17.26 -13.64 -19.80
N CYS B 148 -16.87 -14.24 -20.93
CA CYS B 148 -15.83 -13.73 -21.81
C CYS B 148 -16.40 -13.35 -23.17
N PRO B 149 -15.87 -12.29 -23.83
CA PRO B 149 -16.25 -12.05 -25.23
C PRO B 149 -15.70 -13.21 -26.09
N GLN B 150 -16.46 -13.68 -27.09
CA GLN B 150 -16.03 -14.83 -27.89
C GLN B 150 -15.13 -14.44 -29.09
N GLU B 151 -15.31 -13.24 -29.65
CA GLU B 151 -14.42 -12.74 -30.70
C GLU B 151 -13.16 -12.17 -30.00
N PRO B 152 -12.00 -12.18 -30.69
CA PRO B 152 -10.80 -11.62 -30.05
C PRO B 152 -10.95 -10.15 -29.63
N ARG B 153 -10.47 -9.85 -28.43
CA ARG B 153 -10.45 -8.51 -27.88
C ARG B 153 -9.11 -8.34 -27.15
N LEU B 154 -8.10 -7.80 -27.85
CA LEU B 154 -6.77 -7.69 -27.25
C LEU B 154 -6.40 -6.28 -26.84
N ALA B 155 -5.87 -6.12 -25.62
CA ALA B 155 -5.34 -4.82 -25.22
C ALA B 155 -4.06 -4.51 -26.03
N PHE B 156 -3.32 -5.55 -26.47
CA PHE B 156 -2.12 -5.43 -27.28
C PHE B 156 -2.32 -6.17 -28.60
N PRO B 157 -3.05 -5.56 -29.54
CA PRO B 157 -3.31 -6.25 -30.81
C PRO B 157 -2.09 -6.43 -31.71
N GLU B 158 -1.29 -5.36 -31.93
CA GLU B 158 -0.09 -5.33 -32.79
C GLU B 158 0.65 -6.66 -32.95
N ASN B 161 4.47 -7.41 -30.91
CA ASN B 161 4.51 -6.43 -29.82
C ASN B 161 5.33 -6.93 -28.59
N ARG B 162 5.67 -6.01 -27.66
CA ARG B 162 6.50 -6.32 -26.49
C ARG B 162 5.92 -7.33 -25.49
N SER B 163 4.57 -7.53 -25.46
CA SER B 163 3.95 -8.45 -24.49
C SER B 163 4.23 -9.92 -24.73
N LEU B 164 4.66 -10.28 -25.96
CA LEU B 164 4.93 -11.66 -26.34
C LEU B 164 6.43 -11.98 -26.51
N LYS B 165 7.32 -11.05 -26.10
CA LYS B 165 8.77 -11.23 -26.25
C LYS B 165 9.32 -12.32 -25.33
N LYS B 166 10.34 -13.06 -25.80
CA LYS B 166 10.96 -14.10 -24.98
C LYS B 166 11.99 -13.44 -24.03
N ILE B 167 12.01 -13.84 -22.74
CA ILE B 167 12.95 -13.21 -21.78
C ILE B 167 14.07 -14.17 -21.36
N PRO B 168 15.32 -13.81 -21.67
CA PRO B 168 16.44 -14.68 -21.27
C PRO B 168 16.77 -14.60 -19.77
N LYS B 169 17.61 -15.53 -19.32
CA LYS B 169 18.03 -15.57 -17.92
C LYS B 169 19.32 -14.75 -17.78
N LEU B 170 19.32 -13.79 -16.85
CA LEU B 170 20.46 -12.93 -16.59
C LEU B 170 21.67 -13.79 -16.14
N GLU B 171 22.85 -13.53 -16.70
CA GLU B 171 24.04 -14.27 -16.35
C GLU B 171 24.91 -13.49 -15.35
N ASP B 172 25.51 -14.20 -14.39
CA ASP B 172 26.39 -13.58 -13.41
C ASP B 172 27.70 -13.17 -14.10
N PRO B 173 28.31 -12.02 -13.73
CA PRO B 173 27.86 -11.08 -12.72
C PRO B 173 26.81 -10.05 -13.22
N ALA B 174 25.86 -9.70 -12.34
CA ALA B 174 24.84 -8.70 -12.67
C ALA B 174 25.50 -7.34 -12.60
N GLN B 175 24.98 -6.38 -13.39
CA GLN B 175 25.54 -5.03 -13.36
C GLN B 175 25.20 -4.36 -12.02
N TYR B 176 23.95 -4.54 -11.56
CA TYR B 176 23.47 -3.98 -10.30
C TYR B 176 22.74 -5.04 -9.46
N SER B 177 22.64 -4.82 -8.12
CA SER B 177 21.92 -5.76 -7.28
C SER B 177 21.44 -5.14 -5.96
N MET B 178 20.35 -5.67 -5.42
CA MET B 178 19.81 -5.32 -4.13
C MET B 178 19.58 -6.67 -3.43
N ILE B 179 20.27 -6.95 -2.33
CA ILE B 179 20.19 -8.28 -1.71
C ILE B 179 19.54 -8.27 -0.33
N GLY B 180 19.12 -9.44 0.13
CA GLY B 180 18.51 -9.57 1.45
C GLY B 180 17.09 -9.06 1.54
N LEU B 181 16.36 -8.95 0.42
CA LEU B 181 14.97 -8.49 0.42
C LEU B 181 14.04 -9.52 1.07
N LYS B 182 13.26 -9.10 2.08
CA LYS B 182 12.36 -9.99 2.82
C LYS B 182 10.95 -9.41 2.83
N PRO B 183 9.92 -10.23 2.62
CA PRO B 183 8.56 -9.72 2.71
C PRO B 183 8.11 -9.50 4.15
N ARG B 184 7.36 -8.43 4.40
CA ARG B 184 6.76 -8.22 5.71
C ARG B 184 5.27 -8.63 5.62
N ARG B 185 4.51 -8.59 6.73
CA ARG B 185 3.10 -8.99 6.72
C ARG B 185 2.25 -8.19 5.74
N ALA B 186 2.56 -6.88 5.57
CA ALA B 186 1.84 -6.03 4.60
C ALA B 186 2.05 -6.47 3.14
N ASP B 187 3.10 -7.27 2.86
CA ASP B 187 3.33 -7.77 1.50
C ASP B 187 2.49 -9.04 1.20
N LEU B 188 1.73 -9.56 2.19
CA LEU B 188 0.95 -10.77 2.00
C LEU B 188 -0.52 -10.46 1.69
N ASP B 189 -1.20 -11.36 0.98
CA ASP B 189 -2.62 -11.20 0.68
C ASP B 189 -3.48 -11.86 1.77
N MET B 190 -4.81 -11.92 1.56
CA MET B 190 -5.73 -12.55 2.51
C MET B 190 -5.45 -14.05 2.71
N ASN B 191 -4.73 -14.70 1.77
CA ASN B 191 -4.39 -16.13 1.90
C ASN B 191 -2.96 -16.37 2.39
N GLN B 192 -2.27 -15.33 2.91
CA GLN B 192 -0.89 -15.35 3.44
C GLN B 192 0.18 -15.67 2.38
N HIS B 193 -0.14 -15.47 1.10
CA HIS B 193 0.78 -15.62 -0.02
C HIS B 193 1.35 -14.22 -0.33
N VAL B 194 2.60 -14.15 -0.83
CA VAL B 194 3.19 -12.87 -1.20
C VAL B 194 2.41 -12.27 -2.38
N ASN B 195 2.00 -11.00 -2.29
CA ASN B 195 1.26 -10.31 -3.34
C ASN B 195 2.20 -10.13 -4.55
N ASN B 196 1.69 -10.34 -5.76
CA ASN B 196 2.49 -10.17 -6.98
C ASN B 196 3.07 -8.77 -7.16
N VAL B 197 2.43 -7.74 -6.59
CA VAL B 197 2.90 -6.36 -6.68
C VAL B 197 4.22 -6.18 -5.90
N THR B 198 4.45 -6.97 -4.83
CA THR B 198 5.72 -6.96 -4.09
C THR B 198 6.88 -7.38 -5.02
N TYR B 199 6.66 -8.38 -5.93
CA TYR B 199 7.72 -8.80 -6.85
C TYR B 199 8.10 -7.65 -7.79
N ILE B 200 7.11 -6.83 -8.21
CA ILE B 200 7.38 -5.64 -9.03
C ILE B 200 8.29 -4.69 -8.25
N GLY B 201 7.96 -4.40 -6.99
CA GLY B 201 8.80 -3.54 -6.15
C GLY B 201 10.22 -4.05 -6.00
N TRP B 202 10.35 -5.37 -5.73
CA TRP B 202 11.64 -6.01 -5.57
C TRP B 202 12.46 -5.96 -6.85
N VAL B 203 11.83 -6.21 -8.02
CA VAL B 203 12.52 -6.10 -9.33
C VAL B 203 13.13 -4.67 -9.50
N LEU B 204 12.28 -3.64 -9.28
CA LEU B 204 12.66 -2.25 -9.39
C LEU B 204 13.70 -1.75 -8.38
N GLU B 205 13.87 -2.45 -7.24
CA GLU B 205 14.83 -2.06 -6.22
C GLU B 205 16.29 -2.06 -6.73
N SER B 206 16.64 -2.93 -7.70
CA SER B 206 18.00 -2.97 -8.21
C SER B 206 18.24 -1.98 -9.38
N ILE B 207 17.24 -1.17 -9.77
CA ILE B 207 17.46 -0.12 -10.77
C ILE B 207 18.13 1.03 -9.98
N PRO B 208 19.25 1.58 -10.48
CA PRO B 208 19.91 2.68 -9.75
C PRO B 208 18.99 3.89 -9.58
N GLN B 209 19.14 4.57 -8.44
CA GLN B 209 18.34 5.74 -8.10
C GLN B 209 18.41 6.85 -9.17
N GLU B 210 19.57 7.07 -9.79
CA GLU B 210 19.74 8.08 -10.83
C GLU B 210 18.85 7.84 -12.03
N ILE B 211 18.67 6.56 -12.42
CA ILE B 211 17.76 6.20 -13.51
C ILE B 211 16.33 6.52 -13.10
N VAL B 212 15.94 6.16 -11.87
CA VAL B 212 14.59 6.44 -11.38
C VAL B 212 14.31 7.96 -11.32
N ASP B 213 15.32 8.77 -10.94
CA ASP B 213 15.21 10.23 -10.84
C ASP B 213 15.13 10.95 -12.20
N THR B 214 15.75 10.39 -13.25
CA THR B 214 15.76 11.05 -14.57
C THR B 214 14.87 10.40 -15.63
N HIS B 215 14.33 9.21 -15.35
CA HIS B 215 13.51 8.48 -16.32
C HIS B 215 12.13 8.11 -15.76
N GLU B 216 11.20 7.80 -16.66
CA GLU B 216 9.91 7.27 -16.28
C GLU B 216 9.81 5.86 -16.86
N LEU B 217 9.27 4.92 -16.09
CA LEU B 217 9.10 3.55 -16.53
C LEU B 217 7.94 3.51 -17.55
N GLN B 218 8.21 3.08 -18.79
CA GLN B 218 7.20 2.98 -19.82
C GLN B 218 6.66 1.54 -19.97
N VAL B 219 7.53 0.50 -19.91
CA VAL B 219 7.09 -0.89 -20.07
C VAL B 219 7.76 -1.76 -19.03
N ILE B 220 7.02 -2.75 -18.50
CA ILE B 220 7.48 -3.78 -17.59
C ILE B 220 6.83 -5.12 -17.97
N THR B 221 7.66 -6.17 -18.16
CA THR B 221 7.18 -7.52 -18.45
C THR B 221 7.78 -8.44 -17.40
N LEU B 222 6.95 -9.22 -16.72
CA LEU B 222 7.42 -10.14 -15.68
C LEU B 222 6.91 -11.56 -15.97
N ASP B 223 7.81 -12.57 -15.90
CA ASP B 223 7.49 -13.99 -15.99
C ASP B 223 7.61 -14.55 -14.57
N TYR B 224 6.54 -15.13 -14.03
CA TYR B 224 6.49 -15.69 -12.67
C TYR B 224 6.83 -17.19 -12.72
N ARG B 225 7.90 -17.60 -12.05
CA ARG B 225 8.35 -19.00 -12.12
C ARG B 225 8.04 -19.79 -10.86
N ARG B 226 8.20 -19.15 -9.71
CA ARG B 226 8.00 -19.80 -8.43
C ARG B 226 7.60 -18.75 -7.41
N GLU B 227 6.84 -19.16 -6.40
CA GLU B 227 6.43 -18.26 -5.34
C GLU B 227 7.50 -18.09 -4.26
N CYS B 228 7.57 -16.90 -3.67
CA CYS B 228 8.46 -16.60 -2.56
C CYS B 228 7.60 -16.84 -1.30
N GLN B 229 8.06 -17.70 -0.40
CA GLN B 229 7.33 -17.96 0.85
C GLN B 229 7.60 -16.80 1.83
N GLN B 230 6.82 -16.75 2.92
CA GLN B 230 6.92 -15.74 3.96
C GLN B 230 8.30 -15.69 4.62
N ASP B 231 8.97 -16.83 4.77
CA ASP B 231 10.29 -16.88 5.41
C ASP B 231 11.46 -16.93 4.41
N ASP B 232 11.20 -16.65 3.12
CA ASP B 232 12.25 -16.63 2.10
C ASP B 232 12.96 -15.26 2.03
N VAL B 233 14.19 -15.25 1.51
CA VAL B 233 14.98 -14.05 1.34
C VAL B 233 15.40 -13.99 -0.12
N VAL B 234 15.24 -12.84 -0.77
CA VAL B 234 15.44 -12.69 -2.20
C VAL B 234 16.54 -11.68 -2.57
N ASP B 235 17.24 -11.96 -3.67
CA ASP B 235 18.21 -11.09 -4.27
C ASP B 235 17.61 -10.59 -5.59
N SER B 236 17.72 -9.28 -5.86
CA SER B 236 17.18 -8.62 -7.06
C SER B 236 18.40 -8.21 -7.95
N LEU B 237 18.46 -8.71 -9.19
CA LEU B 237 19.59 -8.50 -10.09
C LEU B 237 19.14 -7.77 -11.35
N THR B 238 19.93 -6.78 -11.83
CA THR B 238 19.60 -5.99 -13.02
C THR B 238 20.85 -5.75 -13.88
N THR B 239 20.73 -5.89 -15.21
CA THR B 239 21.81 -5.58 -16.16
C THR B 239 21.21 -4.73 -17.29
N THR B 240 21.90 -3.64 -17.67
CA THR B 240 21.45 -2.81 -18.79
C THR B 240 21.65 -3.58 -20.10
N THR B 241 20.62 -3.67 -20.92
CA THR B 241 20.71 -4.36 -22.23
C THR B 241 20.66 -3.39 -23.42
N SER B 242 20.44 -2.09 -23.18
CA SER B 242 20.38 -1.10 -24.25
C SER B 242 21.79 -0.57 -24.64
N ASP B 260 16.17 6.12 -24.68
CA ASP B 260 15.53 5.08 -23.87
C ASP B 260 16.56 4.13 -23.22
N SER B 261 16.18 3.50 -22.12
CA SER B 261 17.05 2.55 -21.43
C SER B 261 16.28 1.25 -21.18
N GLN B 262 16.91 0.13 -21.46
CA GLN B 262 16.29 -1.17 -21.23
C GLN B 262 17.11 -1.97 -20.26
N PHE B 263 16.45 -2.78 -19.44
CA PHE B 263 17.14 -3.62 -18.45
C PHE B 263 16.59 -5.02 -18.49
N LEU B 264 17.44 -5.97 -18.13
CA LEU B 264 17.09 -7.37 -17.95
C LEU B 264 17.11 -7.57 -16.41
N HIS B 265 16.10 -8.29 -15.88
CA HIS B 265 15.96 -8.47 -14.44
C HIS B 265 15.88 -9.92 -14.05
N LEU B 266 16.23 -10.21 -12.79
CA LEU B 266 16.12 -11.54 -12.23
C LEU B 266 15.97 -11.49 -10.71
N LEU B 267 14.95 -12.17 -10.16
CA LEU B 267 14.83 -12.32 -8.70
C LEU B 267 15.14 -13.78 -8.40
N ARG B 268 16.00 -14.03 -7.42
CA ARG B 268 16.31 -15.41 -7.04
C ARG B 268 16.47 -15.53 -5.54
N LEU B 269 16.33 -16.74 -4.97
CA LEU B 269 16.52 -16.95 -3.53
C LEU B 269 17.95 -16.62 -3.13
N SER B 270 18.11 -15.88 -2.04
CA SER B 270 19.39 -15.37 -1.55
C SER B 270 20.43 -16.45 -1.30
N GLY B 271 19.99 -17.64 -0.93
CA GLY B 271 20.90 -18.74 -0.65
C GLY B 271 21.29 -19.58 -1.85
N ASP B 272 20.42 -20.53 -2.24
CA ASP B 272 20.75 -21.45 -3.33
C ASP B 272 20.63 -20.86 -4.74
N GLY B 273 20.06 -19.65 -4.87
CA GLY B 273 19.94 -19.02 -6.18
C GLY B 273 18.81 -19.56 -7.05
N GLN B 274 17.84 -20.25 -6.44
CA GLN B 274 16.66 -20.74 -7.14
C GLN B 274 15.87 -19.55 -7.74
N GLU B 275 15.57 -19.58 -9.05
CA GLU B 275 14.82 -18.49 -9.72
C GLU B 275 13.37 -18.32 -9.25
N ILE B 276 12.95 -17.08 -8.92
CA ILE B 276 11.57 -16.86 -8.55
C ILE B 276 10.85 -16.12 -9.72
N ASN B 277 11.52 -15.11 -10.33
CA ASN B 277 11.01 -14.30 -11.44
C ASN B 277 12.13 -13.87 -12.36
N ARG B 278 11.77 -13.56 -13.60
CA ARG B 278 12.64 -12.88 -14.55
C ARG B 278 11.77 -11.82 -15.28
N GLY B 279 12.38 -10.75 -15.73
CA GLY B 279 11.65 -9.70 -16.43
C GLY B 279 12.50 -8.73 -17.20
N THR B 280 11.84 -7.76 -17.87
CA THR B 280 12.48 -6.67 -18.62
C THR B 280 11.70 -5.37 -18.35
N THR B 281 12.43 -4.26 -18.31
CA THR B 281 11.85 -2.92 -18.20
C THR B 281 12.39 -2.02 -19.30
N LEU B 282 11.58 -1.03 -19.72
CA LEU B 282 11.96 -0.03 -20.70
C LEU B 282 11.61 1.33 -20.08
N TRP B 283 12.60 2.23 -20.03
CA TRP B 283 12.48 3.54 -19.39
C TRP B 283 12.71 4.65 -20.41
N ARG B 284 11.93 5.76 -20.33
CA ARG B 284 12.05 6.92 -21.22
C ARG B 284 12.59 8.14 -20.42
N LYS B 285 13.46 8.96 -21.01
CA LYS B 285 13.96 10.19 -20.36
C LYS B 285 12.79 11.14 -20.08
N LYS B 286 12.78 11.81 -18.92
CA LYS B 286 11.70 12.74 -18.59
C LYS B 286 11.72 13.98 -19.47
N1 A1H9V C . -0.36 7.99 11.56
N3 A1H9V C . -0.90 11.74 9.01
C4 A1H9V C . 0.97 10.93 9.61
C5 A1H9V C . -1.18 11.01 10.10
C1 A1H9V C . -1.82 7.89 11.44
C2 A1H9V C . 0.37 7.15 10.62
C3 A1H9V C . 0.02 10.49 10.52
N2 A1H9V C . 0.40 11.69 8.67
O1 A1H9V C . -0.43 10.00 13.00
O2 A1H9V C . 1.70 9.24 12.02
S1 A1H9V C . 0.28 9.45 11.89
S SO4 D . -1.85 19.15 11.60
O1 SO4 D . -2.11 18.58 12.93
O2 SO4 D . -2.33 20.54 11.53
O3 SO4 D . -0.37 19.26 11.47
O4 SO4 D . -2.46 18.39 10.49
N1 A1H9V E . -0.35 -7.90 -11.85
N3 A1H9V E . -3.80 -10.29 -9.86
C4 A1H9V E . -3.57 -9.13 -11.59
C5 A1H9V E . -2.52 -10.43 -10.17
C1 A1H9V E . -1.18 -6.81 -12.40
C2 A1H9V E . 0.20 -7.60 -10.53
C3 A1H9V E . -2.31 -9.68 -11.29
N2 A1H9V E . -4.48 -9.52 -10.71
O1 A1H9V E . -1.10 -9.55 -13.53
O2 A1H9V E . 0.19 -10.27 -11.54
S1 A1H9V E . -0.81 -9.44 -12.13
S SO4 F . -8.64 -14.90 -14.78
O1 SO4 F . -7.66 -14.52 -15.81
O2 SO4 F . -9.01 -13.73 -13.98
O3 SO4 F . -9.90 -15.41 -15.35
O4 SO4 F . -7.99 -16.00 -14.07
#